data_6Z8X
#
_entry.id   6Z8X
#
_cell.length_a   94.671
_cell.length_b   94.671
_cell.length_c   124.693
_cell.angle_alpha   90.000
_cell.angle_beta   90.000
_cell.angle_gamma   120.000
#
_symmetry.space_group_name_H-M   'P 32 2 1'
#
loop_
_entity.id
_entity.type
_entity.pdbx_description
1 polymer Prothrombin
2 polymer Prothrombin
3 polymer TBA-3Leu
4 non-polymer D-phenylalanyl-N-[(2S,3S)-6-{[amino(iminio)methyl]amino}-1-chloro-2-hydroxyhexan-3-yl]-L-prolinamide
5 non-polymer 'SODIUM ION'
6 non-polymer 'POTASSIUM ION'
7 water water
#
loop_
_entity_poly.entity_id
_entity_poly.type
_entity_poly.pdbx_seq_one_letter_code
_entity_poly.pdbx_strand_id
1 'polypeptide(L)' TFGSGEADCGLRPLFEKKSLEDKTERELLESYIDGR L
2 'polypeptide(L)'
;IVEGSDAEIGMSPWQVMLFRKSPQELLCGASLISDRWVLTAAHCLLYPPWDKNFTENDLLVRIGKHSRTRYERNIEKISM
LEKIYIHPRYNWRENLDRDIALMKLKKPVAFSDYIHPVCLPDRETAASLLQAGYKGRVTGWGNLKETWTANVGKGQPSVL
QVVNLPIVERPVCKDSTRIRITDNMFCAGYKPDEGKRGDACEGDSGGPFVMKSPFNNRWYQMGIVSWGEGCDRDGKYGFY
THVFRLKKWIQKVIDQFGE
;
H
3 'polydeoxyribonucleotide' (DG)(DG)(QCE)(DT)(DG)(DG)(DT)(DG)(DT)(DG)(DG)(DT)(DT)(DG)(DG) B
#
# COMPACT_ATOMS: atom_id res chain seq x y z
N ALA A 7 17.47 4.76 6.76
CA ALA A 7 18.20 5.31 7.94
C ALA A 7 17.51 4.88 9.23
N ASP A 8 16.18 5.04 9.31
CA ASP A 8 15.43 4.68 10.51
C ASP A 8 14.07 4.10 10.12
N CYS A 9 13.87 3.87 8.82
CA CYS A 9 12.60 3.42 8.28
C CYS A 9 12.24 2.03 8.82
N GLY A 10 10.96 1.68 8.67
CA GLY A 10 10.47 0.32 8.90
C GLY A 10 10.54 -0.10 10.37
N LEU A 11 10.87 0.84 11.25
CA LEU A 11 10.88 0.58 12.67
C LEU A 11 9.86 1.49 13.33
N ARG A 12 8.72 0.91 13.71
CA ARG A 12 7.61 1.66 14.28
C ARG A 12 8.00 2.15 15.68
N PRO A 13 8.03 3.48 15.91
CA PRO A 13 8.40 4.04 17.20
C PRO A 13 7.39 3.77 18.31
N LEU A 14 6.76 2.59 18.25
CA LEU A 14 5.89 2.10 19.31
C LEU A 14 5.69 0.59 19.18
N PHE A 15 6.43 -0.02 18.25
CA PHE A 15 6.51 -1.46 18.15
C PHE A 15 7.98 -1.90 18.21
N GLU A 16 8.70 -1.73 17.10
CA GLU A 16 10.09 -2.12 17.02
C GLU A 16 10.92 -1.29 18.00
N LYS A 17 10.56 -0.01 18.13
CA LYS A 17 11.34 0.95 18.90
C LYS A 17 11.00 0.86 20.38
N LYS A 18 9.72 0.67 20.69
CA LYS A 18 9.29 0.44 22.06
C LYS A 18 9.49 -1.02 22.43
N SER A 19 10.08 -1.78 21.49
CA SER A 19 10.34 -3.20 21.62
C SER A 19 9.04 -3.93 21.96
N LEU A 20 8.16 -4.05 20.95
CA LEU A 20 6.82 -4.57 21.12
C LEU A 20 6.38 -5.31 19.86
N GLU A 21 5.62 -6.39 20.09
CA GLU A 21 4.95 -7.14 19.03
C GLU A 21 3.55 -6.56 18.85
N ASP A 22 3.03 -6.62 17.63
CA ASP A 22 1.62 -6.33 17.39
C ASP A 22 0.83 -7.63 17.55
N LYS A 23 -0.44 -7.62 17.09
CA LYS A 23 -1.30 -8.77 17.26
C LYS A 23 -0.81 -9.93 16.39
N THR A 24 -0.36 -9.61 15.17
CA THR A 24 -0.13 -10.63 14.17
C THR A 24 1.12 -10.36 13.35
N GLU A 25 2.16 -9.81 14.00
CA GLU A 25 3.49 -9.88 13.39
C GLU A 25 4.08 -11.25 13.71
N ARG A 26 3.62 -11.83 14.82
CA ARG A 26 3.94 -13.21 15.17
C ARG A 26 3.46 -14.13 14.04
N GLU A 27 2.25 -13.86 13.56
CA GLU A 27 1.61 -14.63 12.50
C GLU A 27 2.44 -14.53 11.22
N LEU A 28 2.99 -13.34 10.96
CA LEU A 28 3.80 -13.09 9.78
C LEU A 28 5.11 -13.86 9.89
N LEU A 29 5.74 -13.79 11.07
CA LEU A 29 7.02 -14.43 11.33
C LEU A 29 6.93 -15.94 11.08
N GLU A 30 5.83 -16.54 11.54
CA GLU A 30 5.66 -17.98 11.57
C GLU A 30 5.50 -18.54 10.15
N SER A 31 5.25 -17.66 9.18
CA SER A 31 5.06 -18.04 7.79
C SER A 31 6.40 -18.25 7.09
N TYR A 32 7.44 -17.58 7.61
CA TYR A 32 8.78 -17.67 7.06
C TYR A 32 9.52 -18.84 7.70
N ILE B 1 -10.22 -2.81 2.99
CA ILE B 1 -9.73 -4.15 3.42
C ILE B 1 -10.94 -5.04 3.68
N VAL B 2 -10.94 -6.22 3.03
CA VAL B 2 -12.05 -7.16 3.11
C VAL B 2 -11.64 -8.32 4.02
N GLU B 3 -12.53 -8.63 4.97
CA GLU B 3 -12.32 -9.68 5.96
C GLU B 3 -11.05 -9.38 6.75
N GLY B 4 -11.01 -8.19 7.37
CA GLY B 4 -9.86 -7.77 8.15
C GLY B 4 -10.24 -7.46 9.59
N SER B 5 -9.51 -6.51 10.19
CA SER B 5 -9.75 -6.07 11.55
C SER B 5 -9.25 -4.63 11.71
N ASP B 6 -9.69 -3.98 12.78
CA ASP B 6 -9.26 -2.63 13.11
C ASP B 6 -7.76 -2.62 13.37
N ALA B 7 -7.12 -1.49 13.08
CA ALA B 7 -5.69 -1.34 13.26
C ALA B 7 -5.38 -1.00 14.71
N GLU B 8 -4.18 -1.40 15.15
CA GLU B 8 -3.56 -0.87 16.36
C GLU B 8 -2.85 0.43 16.00
N ILE B 9 -2.87 1.39 16.93
CA ILE B 9 -2.33 2.72 16.68
C ILE B 9 -0.88 2.60 16.25
N GLY B 10 -0.58 3.17 15.07
CA GLY B 10 0.77 3.29 14.54
C GLY B 10 1.41 1.96 14.18
N MET B 11 0.58 0.96 13.84
CA MET B 11 1.10 -0.32 13.38
C MET B 11 1.40 -0.21 11.88
N SER B 12 0.79 0.81 11.25
CA SER B 12 1.17 1.27 9.93
C SER B 12 1.25 2.78 9.96
N PRO B 13 2.36 3.36 10.50
CA PRO B 13 2.50 4.81 10.60
C PRO B 13 2.80 5.45 9.25
N TRP B 14 3.31 4.63 8.32
CA TRP B 14 3.63 5.05 6.96
C TRP B 14 2.37 5.06 6.10
N GLN B 15 1.25 4.64 6.70
CA GLN B 15 -0.04 4.66 5.99
C GLN B 15 -0.42 6.11 5.69
N VAL B 16 -0.71 6.36 4.41
CA VAL B 16 -1.01 7.69 3.91
C VAL B 16 -2.36 7.65 3.20
N MET B 17 -3.13 8.73 3.37
CA MET B 17 -4.45 8.86 2.78
C MET B 17 -4.42 9.97 1.73
N LEU B 18 -4.87 9.64 0.52
CA LEU B 18 -5.06 10.62 -0.54
C LEU B 18 -6.45 11.23 -0.43
N PHE B 19 -6.50 12.53 -0.15
CA PHE B 19 -7.75 13.25 -0.01
C PHE B 19 -7.88 14.24 -1.18
N ARG B 20 -9.13 14.47 -1.61
CA ARG B 20 -9.43 15.41 -2.67
C ARG B 20 -9.96 16.70 -2.04
N LYS B 21 -9.66 17.84 -2.68
CA LYS B 21 -9.86 19.14 -2.06
C LYS B 21 -11.31 19.60 -2.15
N SER B 22 -11.95 19.40 -3.31
CA SER B 22 -13.34 19.83 -3.49
C SER B 22 -14.02 19.01 -4.57
N PRO B 23 -15.06 18.20 -4.24
CA PRO B 23 -15.53 18.05 -2.87
C PRO B 23 -14.54 17.27 -2.01
N GLN B 24 -14.43 17.66 -0.73
CA GLN B 24 -13.57 16.99 0.23
C GLN B 24 -13.97 15.52 0.31
N GLU B 25 -13.11 14.65 -0.21
CA GLU B 25 -13.40 13.22 -0.30
C GLU B 25 -12.09 12.43 -0.35
N LEU B 26 -12.15 11.17 0.08
CA LEU B 26 -11.03 10.25 0.01
C LEU B 26 -10.89 9.78 -1.45
N LEU B 27 -9.65 9.53 -1.88
CA LEU B 27 -9.40 8.95 -3.18
C LEU B 27 -8.92 7.51 -3.02
N CYS B 28 -7.72 7.34 -2.45
CA CYS B 28 -7.23 6.03 -2.05
C CYS B 28 -6.08 6.20 -1.06
N GLY B 29 -5.24 5.17 -0.95
CA GLY B 29 -4.12 5.16 -0.01
C GLY B 29 -2.79 5.45 -0.69
N ALA B 30 -1.75 5.61 0.15
CA ALA B 30 -0.38 5.82 -0.28
C ALA B 30 0.56 5.35 0.81
N SER B 31 1.86 5.64 0.68
CA SER B 31 2.85 5.16 1.62
C SER B 31 3.96 6.18 1.82
N LEU B 32 4.30 6.41 3.10
CA LEU B 32 5.42 7.27 3.45
C LEU B 32 6.71 6.48 3.27
N ILE B 33 7.51 6.89 2.28
CA ILE B 33 8.72 6.19 1.93
C ILE B 33 9.93 7.02 2.36
N SER B 34 9.76 8.35 2.29
CA SER B 34 10.80 9.31 2.65
C SER B 34 10.25 10.27 3.71
N ASP B 35 10.82 11.49 3.75
CA ASP B 35 10.35 12.54 4.63
C ASP B 35 9.58 13.58 3.81
N ARG B 36 9.81 13.55 2.48
CA ARG B 36 9.20 14.49 1.56
C ARG B 36 8.56 13.73 0.41
N TRP B 37 8.56 12.39 0.49
CA TRP B 37 8.12 11.54 -0.60
C TRP B 37 7.03 10.57 -0.14
N VAL B 38 6.06 10.35 -1.02
CA VAL B 38 4.95 9.43 -0.81
C VAL B 38 4.72 8.65 -2.09
N LEU B 39 4.42 7.35 -1.95
CA LEU B 39 4.30 6.44 -3.08
C LEU B 39 2.90 5.82 -3.10
N THR B 40 2.25 5.91 -4.27
CA THR B 40 0.87 5.49 -4.43
C THR B 40 0.71 4.70 -5.74
N ALA B 41 -0.56 4.51 -6.15
CA ALA B 41 -0.91 3.86 -7.39
C ALA B 41 -1.37 4.91 -8.40
N ALA B 42 -1.01 4.68 -9.68
CA ALA B 42 -1.20 5.66 -10.73
C ALA B 42 -2.67 5.82 -11.09
N HIS B 43 -3.44 4.73 -11.02
CA HIS B 43 -4.85 4.72 -11.38
C HIS B 43 -5.64 5.61 -10.42
N CYS B 44 -4.96 6.08 -9.37
CA CYS B 44 -5.60 6.80 -8.28
C CYS B 44 -5.58 8.30 -8.53
N LEU B 45 -4.89 8.73 -9.59
CA LEU B 45 -4.83 10.13 -9.97
C LEU B 45 -5.01 10.27 -11.47
N LEU B 46 -4.80 9.16 -12.19
CA LEU B 46 -4.87 9.14 -13.64
C LEU B 46 -5.46 7.81 -14.13
N TYR B 47 -6.77 7.82 -14.38
CA TYR B 47 -7.46 6.76 -15.09
C TYR B 47 -8.48 7.37 -16.03
N PRO B 48 -8.08 7.70 -17.28
CA PRO B 48 -8.98 8.32 -18.26
C PRO B 48 -10.36 7.68 -18.41
N PRO B 49 -10.51 6.33 -18.38
CA PRO B 49 -11.83 5.71 -18.45
C PRO B 49 -12.76 6.15 -17.31
N TRP B 50 -12.17 6.69 -16.23
CA TRP B 50 -12.94 7.22 -15.12
C TRP B 50 -12.79 8.73 -15.05
N ASP B 51 -12.26 9.33 -16.13
CA ASP B 51 -12.10 10.77 -16.27
C ASP B 51 -11.35 11.33 -15.06
N LYS B 52 -10.06 10.98 -14.96
CA LYS B 52 -9.26 11.38 -13.82
C LYS B 52 -7.92 11.93 -14.31
N ASN B 53 -7.71 13.23 -14.08
CA ASN B 53 -6.48 13.91 -14.42
C ASN B 53 -6.15 14.90 -13.29
N PHE B 54 -5.94 14.34 -12.09
CA PHE B 54 -5.80 15.12 -10.87
C PHE B 54 -4.47 15.87 -10.85
N THR B 55 -4.54 17.17 -10.53
CA THR B 55 -3.38 18.06 -10.49
C THR B 55 -2.87 18.15 -9.05
N GLU B 56 -1.79 18.92 -8.86
CA GLU B 56 -1.15 19.10 -7.57
C GLU B 56 -2.13 19.70 -6.57
N ASN B 57 -2.79 20.79 -6.96
CA ASN B 57 -3.65 21.56 -6.07
C ASN B 57 -5.09 21.06 -6.16
N ASP B 58 -5.24 19.75 -6.41
CA ASP B 58 -6.54 19.09 -6.41
C ASP B 58 -6.60 18.13 -5.22
N LEU B 59 -5.44 17.94 -4.57
CA LEU B 59 -5.25 16.84 -3.62
C LEU B 59 -4.59 17.33 -2.35
N LEU B 60 -4.93 16.65 -1.24
CA LEU B 60 -4.21 16.75 0.02
C LEU B 60 -3.59 15.41 0.34
N VAL B 61 -2.78 15.38 1.40
CA VAL B 61 -2.14 14.17 1.90
C VAL B 61 -2.25 14.18 3.43
N ARG B 62 -2.90 13.14 3.96
CA ARG B 62 -3.14 13.04 5.40
C ARG B 62 -2.37 11.86 5.97
N ILE B 63 -1.38 12.16 6.83
CA ILE B 63 -0.45 11.16 7.33
C ILE B 63 -0.65 10.98 8.83
N GLY B 64 -0.54 9.72 9.28
CA GLY B 64 -0.65 9.36 10.68
C GLY B 64 -2.08 9.41 11.19
N LYS B 65 -3.02 8.98 10.34
CA LYS B 65 -4.44 8.95 10.68
C LYS B 65 -4.83 7.55 11.17
N HIS B 66 -6.05 7.45 11.71
CA HIS B 66 -6.59 6.18 12.19
C HIS B 66 -8.09 6.14 11.95
N SER B 67 -8.81 7.11 12.53
CA SER B 67 -10.22 7.32 12.22
C SER B 67 -10.32 7.82 10.78
N ARG B 68 -11.20 7.19 9.99
CA ARG B 68 -11.26 7.39 8.55
C ARG B 68 -11.55 8.85 8.20
N THR B 69 -12.38 9.51 9.01
CA THR B 69 -12.85 10.85 8.70
C THR B 69 -12.36 11.86 9.74
N ARG B 70 -12.98 11.81 10.94
CA ARG B 70 -12.90 12.89 11.91
C ARG B 70 -11.46 13.35 12.08
N TYR B 71 -11.27 14.67 11.93
CA TYR B 71 -9.96 15.30 12.00
C TYR B 71 -9.38 15.13 13.40
N GLU B 72 -8.41 14.22 13.52
CA GLU B 72 -7.72 13.95 14.77
C GLU B 72 -6.80 15.12 15.11
N ARG B 73 -7.25 15.94 16.05
CA ARG B 73 -6.56 17.15 16.47
C ARG B 73 -5.23 16.77 17.10
N ASN B 74 -4.15 17.44 16.64
CA ASN B 74 -2.82 17.34 17.23
C ASN B 74 -2.19 15.98 16.97
N ILE B 75 -2.61 15.29 15.91
CA ILE B 75 -2.09 13.97 15.62
C ILE B 75 -1.73 13.85 14.13
N GLU B 76 -2.70 14.13 13.26
CA GLU B 76 -2.51 13.96 11.82
C GLU B 76 -1.88 15.22 11.23
N LYS B 77 -0.96 15.01 10.29
CA LYS B 77 -0.28 16.09 9.60
C LYS B 77 -0.82 16.15 8.17
N ILE B 78 -1.42 17.29 7.82
CA ILE B 78 -1.95 17.51 6.48
C ILE B 78 -0.91 18.27 5.67
N SER B 79 -0.52 17.68 4.52
CA SER B 79 0.55 18.21 3.69
C SER B 79 0.00 18.66 2.34
N MET B 80 0.77 19.51 1.65
CA MET B 80 0.47 19.96 0.31
C MET B 80 1.33 19.18 -0.69
N LEU B 81 0.89 19.17 -1.95
CA LEU B 81 1.60 18.48 -3.02
C LEU B 81 2.36 19.51 -3.85
N GLU B 82 3.65 19.25 -4.06
CA GLU B 82 4.47 20.14 -4.85
C GLU B 82 4.62 19.58 -6.27
N LYS B 83 4.97 18.30 -6.36
CA LYS B 83 5.22 17.66 -7.65
C LYS B 83 4.66 16.24 -7.63
N ILE B 84 4.15 15.81 -8.81
CA ILE B 84 3.59 14.48 -8.97
C ILE B 84 4.33 13.78 -10.12
N TYR B 85 4.99 12.67 -9.79
CA TYR B 85 5.73 11.89 -10.76
C TYR B 85 5.00 10.58 -11.02
N ILE B 86 4.39 10.47 -12.20
CA ILE B 86 3.71 9.26 -12.64
C ILE B 86 4.57 8.56 -13.68
N HIS B 87 4.59 7.22 -13.64
CA HIS B 87 5.40 6.43 -14.54
C HIS B 87 4.97 6.68 -15.99
N PRO B 88 5.91 7.00 -16.90
CA PRO B 88 5.57 7.35 -18.28
C PRO B 88 4.89 6.21 -19.04
N ARG B 89 5.37 4.98 -18.79
CA ARG B 89 4.90 3.82 -19.53
C ARG B 89 3.80 3.10 -18.74
N TYR B 90 3.04 3.87 -17.96
CA TYR B 90 1.92 3.33 -17.21
C TYR B 90 0.81 2.92 -18.19
N ASN B 91 0.70 1.60 -18.41
CA ASN B 91 -0.29 1.04 -19.32
C ASN B 91 -1.63 0.97 -18.59
N TRP B 92 -2.39 2.07 -18.71
CA TRP B 92 -3.66 2.25 -18.03
C TRP B 92 -4.78 1.59 -18.83
N ARG B 93 -4.50 1.34 -20.13
CA ARG B 93 -5.51 0.91 -21.07
C ARG B 93 -5.87 -0.55 -20.85
N GLU B 94 -4.85 -1.39 -20.62
CA GLU B 94 -5.01 -2.82 -20.69
C GLU B 94 -5.09 -3.45 -19.30
N ASN B 95 -4.03 -3.28 -18.50
CA ASN B 95 -3.85 -4.11 -17.32
C ASN B 95 -3.05 -3.36 -16.23
N LEU B 96 -3.32 -2.06 -16.09
CA LEU B 96 -2.68 -1.22 -15.07
C LEU B 96 -1.23 -1.62 -14.88
N ASP B 97 -0.51 -1.78 -16.00
CA ASP B 97 0.90 -2.15 -15.95
C ASP B 97 1.69 -0.93 -15.51
N ARG B 98 2.57 -1.14 -14.52
CA ARG B 98 3.35 -0.08 -13.90
C ARG B 98 2.41 0.91 -13.24
N ASP B 99 1.47 0.37 -12.45
CA ASP B 99 0.52 1.17 -11.68
C ASP B 99 1.25 1.73 -10.45
N ILE B 100 1.89 2.88 -10.65
CA ILE B 100 2.79 3.47 -9.67
C ILE B 100 2.92 4.97 -9.92
N ALA B 101 3.09 5.72 -8.82
CA ALA B 101 3.27 7.18 -8.86
C ALA B 101 3.89 7.65 -7.55
N LEU B 102 4.73 8.69 -7.64
CA LEU B 102 5.41 9.27 -6.50
C LEU B 102 4.93 10.70 -6.28
N MET B 103 5.14 11.21 -5.06
CA MET B 103 4.59 12.49 -4.65
C MET B 103 5.60 13.27 -3.81
N LYS B 104 6.08 14.38 -4.36
CA LYS B 104 6.92 15.33 -3.65
C LYS B 104 6.03 16.31 -2.89
N LEU B 105 6.19 16.33 -1.57
CA LEU B 105 5.44 17.23 -0.70
C LEU B 105 6.06 18.61 -0.78
N LYS B 106 5.24 19.64 -0.52
CA LYS B 106 5.67 21.03 -0.54
C LYS B 106 7.04 21.13 0.13
N LYS B 107 7.11 20.64 1.37
CA LYS B 107 8.35 20.50 2.12
C LYS B 107 8.19 19.33 3.09
N PRO B 108 9.28 18.85 3.75
CA PRO B 108 9.24 17.58 4.48
C PRO B 108 8.30 17.56 5.69
N VAL B 109 8.05 16.37 6.22
CA VAL B 109 7.16 16.17 7.36
C VAL B 109 7.97 15.75 8.58
N ALA B 110 7.56 16.26 9.74
CA ALA B 110 8.14 15.87 11.01
C ALA B 110 7.46 14.59 11.50
N PHE B 111 8.27 13.62 11.92
CA PHE B 111 7.76 12.31 12.32
C PHE B 111 7.33 12.35 13.78
N SER B 112 6.24 11.65 14.06
CA SER B 112 5.84 11.35 15.43
C SER B 112 5.93 9.84 15.64
N ASP B 113 5.11 9.33 16.56
CA ASP B 113 4.97 7.89 16.74
C ASP B 113 3.93 7.38 15.76
N TYR B 114 3.12 8.31 15.25
CA TYR B 114 2.04 8.02 14.33
C TYR B 114 2.49 8.25 12.88
N ILE B 115 3.60 8.99 12.72
CA ILE B 115 4.18 9.24 11.41
C ILE B 115 5.60 8.68 11.41
N HIS B 116 5.85 7.70 10.53
CA HIS B 116 7.15 7.06 10.40
C HIS B 116 7.21 6.28 9.09
N PRO B 117 8.31 6.40 8.30
CA PRO B 117 8.37 5.82 6.96
C PRO B 117 8.68 4.32 6.94
N VAL B 118 8.40 3.70 5.79
CA VAL B 118 8.66 2.30 5.55
C VAL B 118 9.88 2.17 4.62
N CYS B 119 10.60 1.05 4.74
CA CYS B 119 11.81 0.82 3.98
C CYS B 119 11.46 0.25 2.60
N LEU B 120 12.37 0.49 1.64
CA LEU B 120 12.24 -0.06 0.29
C LEU B 120 13.19 -1.25 0.14
N PRO B 121 12.75 -2.35 -0.51
CA PRO B 121 13.54 -3.58 -0.57
C PRO B 121 14.75 -3.46 -1.49
N ASP B 122 15.89 -3.99 -1.01
CA ASP B 122 17.13 -3.99 -1.78
C ASP B 122 17.10 -5.14 -2.79
N ARG B 123 18.27 -5.45 -3.35
CA ARG B 123 18.41 -6.54 -4.31
C ARG B 123 18.21 -7.88 -3.62
N GLU B 124 18.60 -7.95 -2.34
CA GLU B 124 18.61 -9.19 -1.57
C GLU B 124 17.22 -9.47 -0.99
N THR B 125 16.67 -8.50 -0.24
CA THR B 125 15.45 -8.65 0.52
C THR B 125 14.29 -9.03 -0.40
N ALA B 126 14.31 -8.47 -1.62
CA ALA B 126 13.27 -8.72 -2.61
C ALA B 126 13.19 -10.20 -2.92
N ALA B 127 14.33 -10.81 -3.28
CA ALA B 127 14.41 -12.20 -3.64
C ALA B 127 14.15 -13.08 -2.42
N SER B 128 14.59 -12.60 -1.24
CA SER B 128 14.57 -13.36 0.00
C SER B 128 13.14 -13.56 0.50
N LEU B 129 12.33 -12.50 0.41
CA LEU B 129 11.03 -12.48 1.06
C LEU B 129 9.91 -12.80 0.06
N LEU B 130 10.05 -12.30 -1.18
CA LEU B 130 9.02 -12.50 -2.19
C LEU B 130 9.12 -13.90 -2.79
N GLN B 131 8.95 -14.90 -1.93
CA GLN B 131 8.66 -16.26 -2.34
C GLN B 131 7.18 -16.51 -2.09
N ALA B 132 6.53 -17.24 -3.01
CA ALA B 132 5.13 -17.58 -2.88
C ALA B 132 4.91 -18.34 -1.57
N GLY B 133 3.75 -18.10 -0.94
CA GLY B 133 3.39 -18.80 0.29
C GLY B 133 3.83 -18.04 1.53
N TYR B 134 4.62 -16.97 1.33
CA TYR B 134 5.03 -16.09 2.42
C TYR B 134 3.96 -15.01 2.61
N LYS B 135 3.88 -14.49 3.84
CA LYS B 135 2.79 -13.60 4.22
C LYS B 135 3.27 -12.15 4.26
N GLY B 136 2.34 -11.24 3.93
CA GLY B 136 2.58 -9.81 3.96
C GLY B 136 1.31 -9.06 4.35
N ARG B 137 1.51 -7.90 4.99
CA ARG B 137 0.43 -7.09 5.53
C ARG B 137 -0.07 -6.12 4.45
N VAL B 138 -1.39 -5.90 4.44
CA VAL B 138 -2.01 -4.88 3.60
C VAL B 138 -2.88 -4.00 4.50
N THR B 139 -2.82 -2.69 4.26
CA THR B 139 -3.57 -1.71 5.02
C THR B 139 -4.32 -0.76 4.09
N GLY B 140 -5.29 -0.03 4.66
CA GLY B 140 -6.09 0.94 3.93
C GLY B 140 -7.45 1.15 4.62
N TRP B 141 -8.15 2.21 4.21
CA TRP B 141 -9.48 2.50 4.69
C TRP B 141 -10.51 2.04 3.66
N GLY B 142 -10.11 1.13 2.78
CA GLY B 142 -10.91 0.72 1.63
C GLY B 142 -12.15 -0.06 2.05
N ASN B 143 -12.92 -0.49 1.03
CA ASN B 143 -14.19 -1.19 1.22
C ASN B 143 -14.03 -2.38 2.15
N LEU B 144 -15.04 -2.60 2.99
CA LEU B 144 -15.12 -3.78 3.85
C LEU B 144 -15.58 -4.96 3.01
N LYS B 145 -16.43 -4.67 2.01
CA LYS B 145 -16.88 -5.64 1.02
C LYS B 145 -17.23 -4.87 -0.26
N GLU B 146 -17.17 -5.57 -1.40
CA GLU B 146 -17.49 -4.97 -2.68
C GLU B 146 -19.00 -4.74 -2.77
N THR B 147 -19.38 -3.68 -3.49
CA THR B 147 -20.77 -3.30 -3.67
C THR B 147 -21.00 -2.88 -5.13
N GLY B 155 -19.67 -1.06 2.82
CA GLY B 155 -18.22 -1.32 2.92
C GLY B 155 -17.43 -0.05 3.18
N GLN B 156 -17.60 0.50 4.40
CA GLN B 156 -16.99 1.78 4.77
C GLN B 156 -16.58 1.73 6.24
N PRO B 157 -15.31 1.36 6.54
CA PRO B 157 -14.86 1.21 7.93
C PRO B 157 -14.46 2.54 8.57
N SER B 158 -14.80 2.69 9.86
CA SER B 158 -14.60 3.93 10.59
C SER B 158 -13.14 4.08 11.01
N VAL B 159 -12.37 2.98 10.89
CA VAL B 159 -10.99 2.91 11.34
C VAL B 159 -10.16 2.15 10.31
N LEU B 160 -8.85 2.43 10.29
CA LEU B 160 -7.90 1.78 9.40
C LEU B 160 -8.03 0.26 9.52
N GLN B 161 -8.09 -0.42 8.37
CA GLN B 161 -8.28 -1.86 8.30
C GLN B 161 -6.96 -2.54 7.94
N VAL B 162 -6.75 -3.73 8.51
CA VAL B 162 -5.51 -4.48 8.37
C VAL B 162 -5.82 -5.90 7.95
N VAL B 163 -4.98 -6.46 7.08
CA VAL B 163 -5.06 -7.86 6.68
C VAL B 163 -3.66 -8.39 6.38
N ASN B 164 -3.43 -9.69 6.67
CA ASN B 164 -2.23 -10.41 6.29
C ASN B 164 -2.60 -11.47 5.26
N LEU B 165 -1.84 -11.53 4.17
CA LEU B 165 -2.17 -12.39 3.04
C LEU B 165 -0.91 -13.04 2.46
N PRO B 166 -0.96 -14.32 2.03
CA PRO B 166 0.19 -14.97 1.39
C PRO B 166 0.32 -14.60 -0.08
N ILE B 167 1.58 -14.54 -0.57
CA ILE B 167 1.83 -14.39 -1.99
C ILE B 167 1.47 -15.70 -2.69
N VAL B 168 0.74 -15.58 -3.81
CA VAL B 168 0.41 -16.72 -4.64
C VAL B 168 1.38 -16.73 -5.82
N GLU B 169 1.71 -17.93 -6.31
CA GLU B 169 2.71 -18.12 -7.34
C GLU B 169 2.17 -17.71 -8.70
N ARG B 170 3.09 -17.23 -9.55
CA ARG B 170 2.82 -16.56 -10.82
C ARG B 170 1.87 -17.39 -11.69
N PRO B 171 2.06 -18.72 -11.82
CA PRO B 171 1.13 -19.55 -12.59
C PRO B 171 -0.33 -19.33 -12.19
N VAL B 172 -0.62 -19.48 -10.89
CA VAL B 172 -1.97 -19.43 -10.37
C VAL B 172 -2.61 -18.10 -10.79
N CYS B 173 -1.87 -17.00 -10.60
CA CYS B 173 -2.36 -15.66 -10.89
C CYS B 173 -2.57 -15.49 -12.40
N LYS B 174 -1.64 -16.05 -13.19
CA LYS B 174 -1.62 -15.86 -14.64
C LYS B 174 -2.97 -16.28 -15.23
N ASP B 175 -3.49 -17.43 -14.77
CA ASP B 175 -4.70 -18.00 -15.34
C ASP B 175 -5.87 -17.87 -14.36
N SER B 176 -5.61 -17.30 -13.17
CA SER B 176 -6.67 -16.97 -12.23
C SER B 176 -7.58 -15.92 -12.86
N THR B 177 -7.04 -15.24 -13.89
CA THR B 177 -7.72 -14.15 -14.57
C THR B 177 -7.46 -14.26 -16.08
N ARG B 178 -8.34 -13.62 -16.85
CA ARG B 178 -8.19 -13.51 -18.29
C ARG B 178 -7.45 -12.21 -18.63
N ILE B 179 -6.98 -11.51 -17.58
CA ILE B 179 -6.24 -10.27 -17.74
C ILE B 179 -4.75 -10.58 -17.78
N ARG B 180 -4.00 -9.78 -18.55
CA ARG B 180 -2.59 -10.02 -18.81
C ARG B 180 -1.77 -9.68 -17.57
N ILE B 181 -0.94 -10.64 -17.16
CA ILE B 181 -0.15 -10.54 -15.94
C ILE B 181 1.32 -10.37 -16.32
N THR B 182 2.00 -9.42 -15.67
CA THR B 182 3.42 -9.19 -15.90
C THR B 182 4.19 -9.34 -14.59
N ASP B 183 5.51 -9.12 -14.66
CA ASP B 183 6.39 -9.24 -13.51
C ASP B 183 6.45 -7.92 -12.76
N ASN B 184 5.89 -6.86 -13.37
CA ASN B 184 5.70 -5.58 -12.71
C ASN B 184 4.42 -5.65 -11.87
N MET B 185 3.93 -6.88 -11.68
CA MET B 185 2.71 -7.16 -10.94
C MET B 185 2.89 -8.47 -10.19
N PHE B 186 2.27 -8.56 -9.00
CA PHE B 186 2.19 -9.80 -8.26
C PHE B 186 0.82 -9.92 -7.61
N CYS B 187 0.32 -11.17 -7.55
CA CYS B 187 -0.96 -11.47 -6.94
C CYS B 187 -0.74 -12.09 -5.57
N ALA B 188 -1.65 -11.79 -4.65
CA ALA B 188 -1.60 -12.30 -3.28
C ALA B 188 -3.01 -12.40 -2.72
N GLY B 189 -3.21 -13.39 -1.84
CA GLY B 189 -4.52 -13.63 -1.25
C GLY B 189 -4.70 -15.12 -0.93
N TYR B 190 -5.96 -15.54 -0.80
CA TYR B 190 -6.26 -16.87 -0.32
C TYR B 190 -6.95 -17.70 -1.39
N LYS B 191 -6.50 -18.96 -1.52
CA LYS B 191 -7.18 -19.99 -2.29
C LYS B 191 -8.53 -20.27 -1.65
N PRO B 192 -9.54 -20.75 -2.44
CA PRO B 192 -10.86 -21.07 -1.89
C PRO B 192 -10.81 -22.12 -0.79
N ASP B 193 -9.93 -23.12 -0.98
CA ASP B 193 -9.80 -24.26 -0.11
C ASP B 193 -9.22 -23.85 1.24
N GLU B 194 -8.35 -22.83 1.22
CA GLU B 194 -7.51 -22.44 2.35
C GLU B 194 -8.37 -22.11 3.58
N GLY B 195 -9.68 -21.90 3.37
CA GLY B 195 -10.63 -21.68 4.45
C GLY B 195 -10.48 -20.29 5.06
N LYS B 196 -9.25 -19.77 5.02
CA LYS B 196 -8.94 -18.41 5.44
C LYS B 196 -9.28 -17.45 4.31
N ARG B 197 -9.84 -16.29 4.68
CA ARG B 197 -10.29 -15.30 3.71
C ARG B 197 -9.44 -14.03 3.87
N GLY B 198 -9.59 -13.12 2.92
CA GLY B 198 -8.87 -11.85 2.94
C GLY B 198 -8.53 -11.39 1.52
N ASP B 199 -8.49 -10.06 1.36
CA ASP B 199 -8.23 -9.39 0.09
C ASP B 199 -8.37 -7.89 0.28
N ALA B 200 -7.69 -7.12 -0.57
CA ALA B 200 -7.90 -5.69 -0.67
C ALA B 200 -9.18 -5.43 -1.46
N CYS B 201 -9.81 -4.28 -1.20
CA CYS B 201 -10.98 -3.88 -1.96
C CYS B 201 -10.75 -2.49 -2.54
N GLU B 202 -11.68 -2.05 -3.41
CA GLU B 202 -11.61 -0.75 -4.04
C GLU B 202 -11.59 0.33 -2.97
N GLY B 203 -10.54 1.17 -2.99
CA GLY B 203 -10.36 2.22 -2.01
C GLY B 203 -9.07 2.06 -1.21
N ASP B 204 -8.53 0.84 -1.20
CA ASP B 204 -7.27 0.51 -0.53
C ASP B 204 -6.11 0.86 -1.44
N SER B 205 -6.41 1.12 -2.72
CA SER B 205 -5.43 1.36 -3.77
C SER B 205 -4.32 2.30 -3.31
N GLY B 206 -3.10 2.02 -3.77
CA GLY B 206 -1.94 2.83 -3.40
C GLY B 206 -1.38 2.43 -2.04
N GLY B 207 -2.23 1.78 -1.23
CA GLY B 207 -1.81 1.24 0.06
C GLY B 207 -0.69 0.22 -0.10
N PRO B 208 0.16 0.02 0.94
CA PRO B 208 1.32 -0.85 0.83
C PRO B 208 1.11 -2.32 1.22
N PHE B 209 1.74 -3.22 0.44
CA PHE B 209 1.92 -4.60 0.84
C PHE B 209 3.27 -4.70 1.54
N VAL B 210 3.24 -4.63 2.88
CA VAL B 210 4.45 -4.56 3.67
C VAL B 210 4.81 -5.94 4.20
N MET B 211 6.12 -6.20 4.26
CA MET B 211 6.65 -7.43 4.83
C MET B 211 7.74 -7.05 5.85
N LYS B 212 7.60 -7.58 7.06
CA LYS B 212 8.58 -7.34 8.11
C LYS B 212 9.71 -8.35 7.97
N SER B 213 10.93 -7.84 7.79
CA SER B 213 12.11 -8.67 7.59
C SER B 213 12.51 -9.33 8.91
N PRO B 214 12.88 -10.64 8.89
CA PRO B 214 13.31 -11.33 10.12
C PRO B 214 14.76 -11.04 10.51
N PHE B 215 15.59 -10.68 9.52
CA PHE B 215 16.98 -10.35 9.76
C PHE B 215 17.04 -9.05 10.56
N ASN B 216 16.67 -7.95 9.90
CA ASN B 216 16.45 -6.66 10.53
C ASN B 216 14.94 -6.46 10.68
N ASN B 217 14.50 -6.15 11.90
CA ASN B 217 13.09 -6.12 12.24
C ASN B 217 12.36 -5.02 11.47
N ARG B 218 13.07 -4.42 10.50
CA ARG B 218 12.54 -3.33 9.69
C ARG B 218 11.41 -3.85 8.79
N TRP B 219 10.47 -2.95 8.49
CA TRP B 219 9.34 -3.23 7.61
C TRP B 219 9.68 -2.77 6.20
N TYR B 220 9.21 -3.55 5.21
CA TYR B 220 9.52 -3.32 3.81
C TYR B 220 8.23 -3.33 2.99
N GLN B 221 7.99 -2.23 2.26
CA GLN B 221 6.89 -2.19 1.31
C GLN B 221 7.28 -2.95 0.05
N MET B 222 6.61 -4.08 -0.17
CA MET B 222 6.93 -4.97 -1.26
C MET B 222 5.95 -4.74 -2.42
N GLY B 223 4.76 -4.21 -2.11
CA GLY B 223 3.70 -4.08 -3.09
C GLY B 223 2.86 -2.82 -2.91
N ILE B 224 2.00 -2.57 -3.91
CA ILE B 224 1.10 -1.42 -3.97
C ILE B 224 -0.25 -1.91 -4.48
N VAL B 225 -1.29 -1.75 -3.65
CA VAL B 225 -2.64 -2.19 -3.99
C VAL B 225 -3.01 -1.60 -5.36
N SER B 226 -3.06 -2.49 -6.36
CA SER B 226 -3.21 -2.08 -7.75
C SER B 226 -4.64 -2.32 -8.24
N TRP B 227 -5.04 -3.60 -8.32
CA TRP B 227 -6.33 -3.95 -8.90
C TRP B 227 -6.80 -5.33 -8.42
N GLY B 228 -7.97 -5.73 -8.95
CA GLY B 228 -8.57 -7.04 -8.71
C GLY B 228 -9.88 -7.18 -9.47
N GLU B 229 -10.49 -8.36 -9.38
CA GLU B 229 -11.82 -8.61 -9.94
C GLU B 229 -12.77 -8.93 -8.80
N GLY B 230 -13.60 -7.95 -8.44
CA GLY B 230 -14.39 -8.02 -7.23
C GLY B 230 -13.51 -7.88 -5.99
N CYS B 231 -13.94 -8.50 -4.89
CA CYS B 231 -13.21 -8.41 -3.63
C CYS B 231 -13.40 -9.70 -2.83
N ASP B 232 -12.28 -10.25 -2.35
CA ASP B 232 -12.25 -11.45 -1.52
C ASP B 232 -13.16 -12.50 -2.11
N ARG B 233 -12.85 -12.92 -3.34
CA ARG B 233 -13.65 -13.93 -4.01
C ARG B 233 -12.81 -15.19 -4.20
N ASP B 234 -13.48 -16.31 -4.46
CA ASP B 234 -12.85 -17.61 -4.47
C ASP B 234 -12.21 -17.84 -5.85
N GLY B 235 -10.90 -18.08 -5.83
CA GLY B 235 -10.11 -18.14 -7.05
C GLY B 235 -9.65 -16.74 -7.46
N LYS B 236 -9.95 -15.75 -6.62
CA LYS B 236 -9.62 -14.36 -6.88
C LYS B 236 -8.64 -13.86 -5.82
N TYR B 237 -7.58 -13.19 -6.28
CA TYR B 237 -6.51 -12.69 -5.43
C TYR B 237 -6.24 -11.23 -5.76
N GLY B 238 -5.90 -10.46 -4.73
CA GLY B 238 -5.53 -9.05 -4.88
C GLY B 238 -4.23 -8.90 -5.65
N PHE B 239 -4.23 -7.96 -6.61
CA PHE B 239 -3.06 -7.70 -7.42
C PHE B 239 -2.40 -6.40 -6.97
N TYR B 240 -1.07 -6.45 -6.82
CA TYR B 240 -0.29 -5.33 -6.33
C TYR B 240 0.86 -5.07 -7.30
N THR B 241 1.38 -3.83 -7.27
CA THR B 241 2.49 -3.44 -8.11
C THR B 241 3.80 -3.93 -7.49
N HIS B 242 4.59 -4.66 -8.28
CA HIS B 242 5.86 -5.21 -7.87
C HIS B 242 6.86 -4.07 -7.67
N VAL B 243 7.22 -3.82 -6.41
CA VAL B 243 7.96 -2.62 -6.04
C VAL B 243 9.39 -2.69 -6.60
N PHE B 244 10.11 -3.77 -6.29
CA PHE B 244 11.54 -3.83 -6.58
C PHE B 244 11.81 -3.80 -8.07
N ARG B 245 10.92 -4.43 -8.86
CA ARG B 245 11.09 -4.51 -10.30
C ARG B 245 10.80 -3.13 -10.93
N LEU B 246 10.84 -2.09 -10.10
CA LEU B 246 10.63 -0.72 -10.54
C LEU B 246 11.53 0.23 -9.75
N LYS B 247 12.37 -0.34 -8.88
CA LYS B 247 13.19 0.43 -7.95
C LYS B 247 14.24 1.24 -8.71
N LYS B 248 14.30 1.03 -10.03
CA LYS B 248 15.22 1.75 -10.90
C LYS B 248 14.65 3.13 -11.21
N TRP B 249 13.38 3.16 -11.66
CA TRP B 249 12.66 4.38 -11.93
C TRP B 249 12.41 5.14 -10.63
N ILE B 250 12.12 4.38 -9.58
CA ILE B 250 11.88 4.92 -8.24
C ILE B 250 13.11 5.73 -7.81
N GLN B 251 14.31 5.17 -8.06
CA GLN B 251 15.56 5.79 -7.69
C GLN B 251 15.84 7.00 -8.58
N LYS B 252 15.40 6.90 -9.84
CA LYS B 252 15.68 7.88 -10.88
C LYS B 252 15.10 9.24 -10.49
N VAL B 253 13.85 9.24 -9.98
CA VAL B 253 13.09 10.46 -9.81
C VAL B 253 13.24 11.02 -8.39
N ILE B 254 13.90 10.25 -7.52
CA ILE B 254 14.28 10.75 -6.20
C ILE B 254 15.63 11.46 -6.32
N ASP B 255 16.42 11.03 -7.31
CA ASP B 255 17.65 11.71 -7.68
C ASP B 255 17.33 12.76 -8.75
N GLN B 256 16.33 13.59 -8.44
CA GLN B 256 15.86 14.64 -9.34
C GLN B 256 16.36 15.99 -8.82
#